data_6H0Z
#
_entry.id   6H0Z
#
_cell.length_a   71.900
_cell.length_b   71.900
_cell.length_c   151.251
_cell.angle_alpha   90.000
_cell.angle_beta   90.000
_cell.angle_gamma   90.000
#
_symmetry.space_group_name_H-M   'P 43 21 2'
#
loop_
_entity.id
_entity.type
_entity.pdbx_description
1 polymer 'Lysine-specific demethylase 4D'
2 non-polymer 'ZINC ION'
3 non-polymer 'CHLORIDE ION'
4 non-polymer 'SODIUM ION'
5 non-polymer 1,2-ETHANEDIOL
6 non-polymer 'SULFATE ION'
7 non-polymer 'NICKEL (II) ION'
8 non-polymer ~{N}-[(~{E})-(4-bromophenyl)methylideneamino]-2-(2~{H}-1,2,3,4-tetrazol-5-yl)ethanamide
9 water water
#
_entity_poly.entity_id   1
_entity_poly.type   'polypeptide(L)'
_entity_poly.pdbx_seq_one_letter_code
;METMKSKANCAQNPNCNIMIFHPTKEEFNDFDKYIAYMESQGAHRAGLAKIIPPKEWKARETYDNISEILIATPLQQVAS
GRAGVFTQYHKKKKAMTVGEYRHLANSKKYQTPPHQNFEDLERKYWKNRIYNSPIYGADISGSLFDENTKQWNLGHLGTI
QDLLEKECGVVIEGVNTPYLYFGMWKTTFAWHTEDMDLYSINYLHLGEPKTWYVVPPEHGQRLERLARELFPGSSRGCGA
FLRHKVALISPTVLKENGIPFNRITQEAGEFMVTFPYGYHAGFNHGFNCAEAINFATPRWIDYGKMASQCSCGEARVTFS
MDAFVRILQPERYDLWKRGQDR
;
_entity_poly.pdbx_strand_id   A
#
# COMPACT_ATOMS: atom_id res chain seq x y z
N ALA A 11 -20.70 -19.84 -0.75
CA ALA A 11 -19.54 -18.97 -0.44
C ALA A 11 -19.40 -17.80 -1.40
N GLN A 12 -19.31 -16.59 -0.87
CA GLN A 12 -19.38 -15.39 -1.70
CA GLN A 12 -19.37 -15.37 -1.67
C GLN A 12 -18.05 -15.12 -2.38
N ASN A 13 -18.14 -14.64 -3.63
CA ASN A 13 -16.99 -14.28 -4.44
C ASN A 13 -15.96 -15.40 -4.55
N PRO A 14 -16.37 -16.60 -4.97
CA PRO A 14 -15.42 -17.72 -4.97
C PRO A 14 -14.26 -17.56 -5.93
N ASN A 15 -14.41 -16.80 -7.02
CA ASN A 15 -13.32 -16.57 -7.95
C ASN A 15 -12.39 -15.45 -7.48
N CYS A 16 -12.68 -14.82 -6.34
CA CYS A 16 -11.76 -13.83 -5.74
C CYS A 16 -11.60 -12.60 -6.63
N ASN A 17 -12.67 -12.16 -7.27
CA ASN A 17 -12.64 -10.95 -8.09
C ASN A 17 -12.59 -9.70 -7.21
N ILE A 18 -11.94 -8.65 -7.72
CA ILE A 18 -11.99 -7.34 -7.07
C ILE A 18 -13.40 -6.78 -7.21
N MET A 19 -14.00 -6.43 -6.08
CA MET A 19 -15.33 -5.86 -6.04
C MET A 19 -15.27 -4.36 -5.86
N ILE A 20 -16.28 -3.67 -6.39
CA ILE A 20 -16.40 -2.22 -6.38
C ILE A 20 -17.71 -1.88 -5.69
N PHE A 21 -17.66 -0.99 -4.71
CA PHE A 21 -18.81 -0.63 -3.91
C PHE A 21 -19.18 0.83 -4.06
N HIS A 22 -20.48 1.10 -4.01
CA HIS A 22 -21.04 2.44 -4.12
C HIS A 22 -21.94 2.72 -2.91
N PRO A 23 -21.36 2.92 -1.71
CA PRO A 23 -22.18 3.20 -0.54
C PRO A 23 -23.01 4.47 -0.68
N THR A 24 -24.21 4.45 -0.13
CA THR A 24 -24.99 5.67 0.00
C THR A 24 -24.42 6.53 1.13
N LYS A 25 -24.91 7.76 1.22
CA LYS A 25 -24.44 8.62 2.30
C LYS A 25 -24.74 8.01 3.66
N GLU A 26 -25.89 7.36 3.81
CA GLU A 26 -26.21 6.69 5.07
C GLU A 26 -25.25 5.55 5.37
N GLU A 27 -24.92 4.74 4.36
CA GLU A 27 -24.00 3.63 4.52
C GLU A 27 -22.58 4.09 4.78
N PHE A 28 -22.26 5.35 4.49
CA PHE A 28 -20.92 5.88 4.64
C PHE A 28 -20.65 6.42 6.05
N ASN A 29 -21.62 6.32 6.96
CA ASN A 29 -21.43 6.89 8.28
C ASN A 29 -20.56 6.02 9.18
N ASP A 30 -20.78 4.71 9.16
CA ASP A 30 -20.16 3.78 10.11
C ASP A 30 -19.11 2.96 9.34
N PHE A 31 -17.85 3.36 9.49
CA PHE A 31 -16.76 2.74 8.74
C PHE A 31 -16.66 1.24 9.01
N ASP A 32 -16.59 0.86 10.29
N ASP A 32 -16.63 0.87 10.27
CA ASP A 32 -16.43 -0.55 10.64
CA ASP A 32 -16.41 -0.54 10.58
C ASP A 32 -17.57 -1.40 10.07
C ASP A 32 -17.57 -1.40 10.08
N LYS A 33 -18.79 -0.88 10.15
CA LYS A 33 -19.94 -1.63 9.66
C LYS A 33 -19.83 -1.86 8.16
N TYR A 34 -19.35 -0.88 7.41
CA TYR A 34 -19.25 -1.05 5.96
C TYR A 34 -18.12 -2.01 5.59
N ILE A 35 -17.01 -1.99 6.31
CA ILE A 35 -15.98 -2.99 6.05
C ILE A 35 -16.55 -4.39 6.24
N ALA A 36 -17.27 -4.59 7.35
CA ALA A 36 -17.91 -5.88 7.60
C ALA A 36 -18.90 -6.23 6.49
N TYR A 37 -19.66 -5.25 6.02
CA TYR A 37 -20.61 -5.52 4.94
C TYR A 37 -19.87 -5.99 3.68
N MET A 38 -18.80 -5.30 3.32
N MET A 38 -18.79 -5.31 3.32
CA MET A 38 -18.02 -5.70 2.15
CA MET A 38 -18.04 -5.72 2.13
C MET A 38 -17.54 -7.13 2.29
C MET A 38 -17.55 -7.16 2.29
N GLU A 39 -17.07 -7.51 3.48
CA GLU A 39 -16.62 -8.88 3.71
CA GLU A 39 -16.62 -8.87 3.73
C GLU A 39 -17.78 -9.87 3.65
N SER A 40 -18.97 -9.48 4.09
CA SER A 40 -20.12 -10.39 3.97
C SER A 40 -20.43 -10.71 2.52
N GLN A 41 -20.02 -9.84 1.60
CA GLN A 41 -20.19 -10.05 0.16
C GLN A 41 -18.97 -10.70 -0.48
N GLY A 42 -17.96 -11.04 0.30
CA GLY A 42 -16.78 -11.74 -0.18
C GLY A 42 -15.68 -10.86 -0.70
N ALA A 43 -15.73 -9.55 -0.42
CA ALA A 43 -14.75 -8.64 -1.01
C ALA A 43 -13.32 -9.00 -0.61
N HIS A 44 -13.13 -9.42 0.63
CA HIS A 44 -11.78 -9.69 1.11
C HIS A 44 -11.09 -10.81 0.36
N ARG A 45 -11.85 -11.70 -0.28
CA ARG A 45 -11.22 -12.83 -0.98
C ARG A 45 -10.30 -12.35 -2.10
N ALA A 46 -10.57 -11.19 -2.67
CA ALA A 46 -9.70 -10.66 -3.70
C ALA A 46 -8.41 -10.07 -3.15
N GLY A 47 -8.40 -9.64 -1.88
CA GLY A 47 -7.28 -8.92 -1.32
C GLY A 47 -7.38 -7.42 -1.41
N LEU A 48 -8.27 -6.89 -2.25
CA LEU A 48 -8.38 -5.47 -2.55
C LEU A 48 -9.83 -5.19 -2.96
N ALA A 49 -10.38 -4.06 -2.53
CA ALA A 49 -11.69 -3.60 -2.98
C ALA A 49 -11.61 -2.10 -3.26
N LYS A 50 -12.43 -1.63 -4.20
CA LYS A 50 -12.61 -0.22 -4.49
C LYS A 50 -13.91 0.27 -3.87
N ILE A 51 -13.86 1.47 -3.27
CA ILE A 51 -15.04 2.11 -2.70
C ILE A 51 -15.19 3.50 -3.31
N ILE A 52 -16.30 3.73 -4.00
CA ILE A 52 -16.59 5.02 -4.59
CA ILE A 52 -16.62 5.02 -4.61
C ILE A 52 -17.49 5.78 -3.62
N PRO A 53 -17.04 6.93 -3.09
CA PRO A 53 -17.86 7.62 -2.08
CA PRO A 53 -17.86 7.64 -2.09
C PRO A 53 -19.15 8.17 -2.69
N PRO A 54 -20.18 8.36 -1.88
CA PRO A 54 -21.41 8.96 -2.40
C PRO A 54 -21.14 10.36 -2.94
N LYS A 55 -22.00 10.78 -3.86
CA LYS A 55 -21.79 12.03 -4.57
C LYS A 55 -21.80 13.23 -3.64
N GLU A 56 -22.41 13.12 -2.46
CA GLU A 56 -22.52 14.24 -1.55
C GLU A 56 -21.24 14.45 -0.73
N TRP A 57 -20.29 13.53 -0.81
CA TRP A 57 -19.13 13.52 0.07
C TRP A 57 -17.94 14.20 -0.59
N LYS A 58 -17.11 14.84 0.24
CA LYS A 58 -15.83 15.35 -0.22
C LYS A 58 -14.79 15.24 0.89
N ALA A 59 -13.53 15.08 0.49
CA ALA A 59 -12.45 14.97 1.47
C ALA A 59 -12.08 16.32 2.06
N ARG A 60 -12.06 17.35 1.22
CA ARG A 60 -11.78 18.73 1.62
C ARG A 60 -12.35 19.61 0.51
N GLU A 61 -12.29 20.93 0.72
CA GLU A 61 -12.93 21.84 -0.23
C GLU A 61 -12.13 21.98 -1.52
N THR A 62 -10.85 22.30 -1.44
N THR A 62 -10.83 22.23 -1.41
CA THR A 62 -10.02 22.38 -2.62
CA THR A 62 -9.97 22.54 -2.56
C THR A 62 -8.62 21.88 -2.30
C THR A 62 -8.55 22.06 -2.29
N TYR A 63 -7.85 21.65 -3.37
CA TYR A 63 -6.44 21.31 -3.28
C TYR A 63 -5.57 22.44 -3.81
N ASP A 64 -6.05 23.68 -3.74
CA ASP A 64 -5.36 24.85 -4.28
CA ASP A 64 -5.28 24.78 -4.33
C ASP A 64 -4.21 25.34 -3.40
N ASN A 65 -4.08 24.82 -2.17
CA ASN A 65 -3.17 25.40 -1.19
CA ASN A 65 -3.20 25.39 -1.16
C ASN A 65 -2.18 24.38 -0.62
N ILE A 66 -1.75 23.42 -1.45
CA ILE A 66 -0.90 22.32 -0.98
C ILE A 66 0.56 22.46 -1.41
N SER A 67 0.94 23.51 -2.14
CA SER A 67 2.25 23.55 -2.77
CA SER A 67 2.25 23.53 -2.77
C SER A 67 3.40 23.75 -1.80
N GLU A 68 3.13 24.19 -0.56
CA GLU A 68 4.16 24.47 0.41
C GLU A 68 4.45 23.28 1.33
N ILE A 69 3.69 22.20 1.23
CA ILE A 69 4.06 20.97 1.92
C ILE A 69 5.48 20.57 1.51
N LEU A 70 6.29 20.14 2.49
CA LEU A 70 7.66 19.75 2.22
C LEU A 70 7.75 18.23 2.07
N ILE A 71 8.46 17.80 1.03
CA ILE A 71 8.90 16.42 0.86
C ILE A 71 10.35 16.40 1.33
N ALA A 72 10.56 16.04 2.60
CA ALA A 72 11.88 16.18 3.20
C ALA A 72 12.90 15.24 2.56
N THR A 73 12.48 14.05 2.16
CA THR A 73 13.39 13.06 1.59
C THR A 73 12.73 12.39 0.40
N PRO A 74 12.68 13.07 -0.75
CA PRO A 74 12.25 12.38 -1.98
C PRO A 74 13.18 11.21 -2.27
N LEU A 75 12.61 10.16 -2.86
CA LEU A 75 13.32 8.90 -3.11
C LEU A 75 13.37 8.60 -4.60
N GLN A 76 14.56 8.47 -5.14
CA GLN A 76 14.74 8.07 -6.53
CA GLN A 76 14.75 8.06 -6.53
C GLN A 76 14.77 6.54 -6.59
N GLN A 77 13.88 5.95 -7.38
CA GLN A 77 13.66 4.50 -7.38
C GLN A 77 14.44 3.89 -8.53
N VAL A 78 15.62 3.35 -8.21
CA VAL A 78 16.58 2.84 -9.20
C VAL A 78 16.39 1.33 -9.32
N ALA A 79 16.12 0.85 -10.54
CA ALA A 79 15.86 -0.57 -10.78
C ALA A 79 17.10 -1.36 -11.19
N SER A 80 17.07 -2.66 -10.91
N SER A 80 17.06 -2.65 -10.89
CA SER A 80 18.05 -3.62 -11.39
CA SER A 80 18.15 -3.56 -11.17
C SER A 80 17.31 -4.91 -11.74
C SER A 80 17.51 -4.89 -11.56
N GLY A 81 17.76 -5.60 -12.79
N GLY A 81 17.81 -5.36 -12.78
CA GLY A 81 17.21 -6.88 -13.16
CA GLY A 81 17.26 -6.60 -13.27
C GLY A 81 16.78 -6.94 -14.61
C GLY A 81 16.62 -6.41 -14.63
N ARG A 82 15.57 -7.42 -14.86
N ARG A 82 15.68 -7.30 -14.92
CA ARG A 82 15.01 -7.44 -16.20
CA ARG A 82 15.03 -7.41 -16.22
C ARG A 82 13.64 -6.79 -16.17
C ARG A 82 13.65 -6.78 -16.17
N ALA A 83 13.08 -6.53 -17.35
CA ALA A 83 11.92 -5.66 -17.43
C ALA A 83 10.76 -6.18 -16.59
N GLY A 84 10.57 -7.50 -16.55
CA GLY A 84 9.48 -8.08 -15.81
C GLY A 84 9.82 -8.67 -14.45
N VAL A 85 11.08 -8.67 -14.06
CA VAL A 85 11.56 -9.24 -12.80
C VAL A 85 12.70 -8.36 -12.35
N PHE A 86 12.44 -7.44 -11.43
CA PHE A 86 13.46 -6.47 -11.04
C PHE A 86 13.28 -6.09 -9.57
N THR A 87 14.36 -5.58 -8.99
CA THR A 87 14.28 -4.94 -7.68
C THR A 87 14.51 -3.45 -7.86
N GLN A 88 14.11 -2.68 -6.86
CA GLN A 88 14.40 -1.27 -6.85
C GLN A 88 14.96 -0.86 -5.50
N TYR A 89 15.92 0.06 -5.53
CA TYR A 89 16.41 0.64 -4.28
C TYR A 89 16.11 2.12 -4.30
N HIS A 90 16.04 2.69 -3.11
CA HIS A 90 15.60 4.08 -2.94
CA HIS A 90 15.61 4.08 -2.95
C HIS A 90 16.82 4.93 -2.60
N LYS A 91 17.18 5.80 -3.54
CA LYS A 91 18.29 6.74 -3.35
C LYS A 91 17.73 8.07 -2.83
N LYS A 92 18.22 8.52 -1.68
CA LYS A 92 17.71 9.76 -1.10
C LYS A 92 18.14 10.97 -1.92
N LYS A 93 17.21 11.90 -2.10
CA LYS A 93 17.43 13.16 -2.78
C LYS A 93 17.20 14.34 -1.83
N LYS A 94 17.63 15.51 -2.28
CA LYS A 94 17.44 16.74 -1.52
C LYS A 94 15.96 17.11 -1.40
N ALA A 95 15.62 17.74 -0.29
CA ALA A 95 14.25 18.13 -0.01
C ALA A 95 13.68 19.05 -1.09
N MET A 96 12.38 18.97 -1.31
N MET A 96 12.38 18.89 -1.35
CA MET A 96 11.71 19.91 -2.19
CA MET A 96 11.61 19.72 -2.29
C MET A 96 10.25 20.01 -1.77
C MET A 96 10.25 20.03 -1.68
N THR A 97 9.64 21.13 -2.13
CA THR A 97 8.23 21.33 -1.82
C THR A 97 7.37 20.56 -2.83
N VAL A 98 6.10 20.40 -2.49
CA VAL A 98 5.15 19.77 -3.41
C VAL A 98 5.05 20.57 -4.70
N GLY A 99 5.11 21.90 -4.62
CA GLY A 99 5.09 22.70 -5.85
C GLY A 99 6.27 22.41 -6.74
N GLU A 100 7.47 22.30 -6.15
CA GLU A 100 8.65 21.95 -6.91
C GLU A 100 8.56 20.53 -7.47
N TYR A 101 8.03 19.59 -6.68
CA TYR A 101 7.85 18.21 -7.11
C TYR A 101 6.91 18.10 -8.29
N ARG A 102 5.79 18.85 -8.26
CA ARG A 102 4.83 18.82 -9.35
CA ARG A 102 4.84 18.81 -9.36
C ARG A 102 5.48 19.30 -10.65
N HIS A 103 6.26 20.38 -10.57
CA HIS A 103 6.96 20.87 -11.74
C HIS A 103 7.95 19.82 -12.26
N LEU A 104 8.64 19.13 -11.35
CA LEU A 104 9.56 18.08 -11.77
C LEU A 104 8.82 16.92 -12.45
N ALA A 105 7.71 16.50 -11.87
CA ALA A 105 6.92 15.42 -12.46
C ALA A 105 6.47 15.75 -13.87
N ASN A 106 6.18 17.02 -14.15
CA ASN A 106 5.65 17.45 -15.44
C ASN A 106 6.76 17.82 -16.43
N SER A 107 8.02 17.77 -16.02
CA SER A 107 9.13 18.06 -16.93
C SER A 107 9.25 16.96 -17.98
N LYS A 108 9.95 17.28 -19.07
CA LYS A 108 10.04 16.31 -20.15
CA LYS A 108 10.11 16.34 -20.17
C LYS A 108 10.68 15.01 -19.69
N LYS A 109 11.64 15.08 -18.76
CA LYS A 109 12.33 13.87 -18.32
C LYS A 109 11.38 12.91 -17.62
N TYR A 110 10.36 13.41 -16.91
CA TYR A 110 9.55 12.60 -16.02
C TYR A 110 8.07 12.50 -16.39
N GLN A 111 7.59 13.28 -17.35
CA GLN A 111 6.15 13.36 -17.58
C GLN A 111 5.62 12.09 -18.24
N THR A 112 4.34 11.83 -18.00
CA THR A 112 3.66 10.70 -18.61
C THR A 112 3.73 10.83 -20.13
N PRO A 113 4.05 9.75 -20.85
CA PRO A 113 4.08 9.80 -22.31
C PRO A 113 2.68 9.82 -22.89
N PRO A 114 2.52 10.23 -24.15
CA PRO A 114 1.23 10.05 -24.82
C PRO A 114 0.81 8.58 -24.78
N HIS A 115 -0.48 8.33 -24.56
CA HIS A 115 -0.99 6.97 -24.49
C HIS A 115 -2.48 6.99 -24.80
N GLN A 116 -3.00 5.84 -25.23
CA GLN A 116 -4.38 5.80 -25.70
C GLN A 116 -5.39 5.46 -24.61
N ASN A 117 -4.98 4.72 -23.58
CA ASN A 117 -5.90 4.23 -22.55
C ASN A 117 -5.03 3.62 -21.44
N PHE A 118 -5.67 3.15 -20.36
CA PHE A 118 -4.92 2.60 -19.24
C PHE A 118 -4.11 1.36 -19.67
N GLU A 119 -4.66 0.54 -20.58
CA GLU A 119 -3.97 -0.67 -21.04
CA GLU A 119 -3.96 -0.67 -20.99
C GLU A 119 -2.68 -0.34 -21.78
N ASP A 120 -2.73 0.69 -22.63
CA ASP A 120 -1.55 1.11 -23.37
C ASP A 120 -0.48 1.61 -22.42
N LEU A 121 -0.88 2.42 -21.42
CA LEU A 121 0.09 2.91 -20.45
C LEU A 121 0.67 1.78 -19.62
N GLU A 122 -0.15 0.79 -19.26
CA GLU A 122 0.35 -0.38 -18.54
C GLU A 122 1.42 -1.11 -19.35
N ARG A 123 1.18 -1.32 -20.65
CA ARG A 123 2.19 -1.95 -21.51
CA ARG A 123 2.19 -1.95 -21.50
C ARG A 123 3.49 -1.15 -21.51
N LYS A 124 3.39 0.17 -21.63
CA LYS A 124 4.58 1.02 -21.61
C LYS A 124 5.30 0.94 -20.29
N TYR A 125 4.56 0.93 -19.17
CA TYR A 125 5.19 0.79 -17.86
C TYR A 125 6.05 -0.47 -17.79
N TRP A 126 5.48 -1.63 -18.10
CA TRP A 126 6.23 -2.87 -17.91
C TRP A 126 7.34 -3.03 -18.94
N LYS A 127 7.20 -2.42 -20.11
CA LYS A 127 8.25 -2.47 -21.12
C LYS A 127 9.45 -1.61 -20.71
N ASN A 128 9.19 -0.44 -20.11
CA ASN A 128 10.19 0.62 -20.02
C ASN A 128 10.57 1.04 -18.61
N ARG A 129 9.87 0.57 -17.57
CA ARG A 129 10.11 1.05 -16.21
C ARG A 129 11.59 0.97 -15.82
N ILE A 130 12.27 -0.13 -16.11
CA ILE A 130 13.60 -0.33 -15.54
C ILE A 130 14.61 0.68 -16.09
N TYR A 131 14.32 1.29 -17.23
CA TYR A 131 15.28 2.17 -17.90
C TYR A 131 15.19 3.59 -17.42
N ASN A 132 14.33 3.86 -16.43
CA ASN A 132 14.17 5.18 -15.85
C ASN A 132 14.21 5.04 -14.33
N SER A 133 14.47 6.15 -13.65
CA SER A 133 14.46 6.17 -12.19
CA SER A 133 14.48 6.18 -12.19
C SER A 133 13.61 7.33 -11.69
N PRO A 134 12.31 7.13 -11.54
CA PRO A 134 11.42 8.20 -11.09
C PRO A 134 11.66 8.54 -9.63
N ILE A 135 11.16 9.68 -9.22
CA ILE A 135 11.34 10.18 -7.86
C ILE A 135 9.99 10.23 -7.18
N TYR A 136 9.94 9.68 -5.96
CA TYR A 136 8.69 9.45 -5.23
C TYR A 136 8.76 10.16 -3.89
N GLY A 137 7.70 10.90 -3.59
N GLY A 137 7.71 10.87 -3.51
CA GLY A 137 7.41 11.41 -2.26
CA GLY A 137 7.67 11.45 -2.18
C GLY A 137 6.60 10.37 -1.53
C GLY A 137 6.73 10.67 -1.28
N ALA A 138 7.24 9.60 -0.67
CA ALA A 138 6.49 8.57 0.05
C ALA A 138 6.61 8.74 1.55
N ASP A 139 5.60 8.24 2.27
CA ASP A 139 5.70 8.07 3.71
C ASP A 139 5.89 9.40 4.42
N ILE A 140 5.10 10.40 4.06
CA ILE A 140 5.16 11.71 4.67
C ILE A 140 4.04 11.78 5.71
N SER A 141 4.37 11.86 6.99
N SER A 141 4.39 11.90 6.97
CA SER A 141 3.32 11.93 7.99
CA SER A 141 3.38 12.00 8.01
C SER A 141 2.50 13.19 7.80
C SER A 141 2.50 13.23 7.80
N GLY A 142 1.19 13.03 7.75
CA GLY A 142 0.28 14.16 7.55
C GLY A 142 -1.04 13.70 6.97
N SER A 143 -1.93 14.67 6.78
CA SER A 143 -3.26 14.39 6.25
C SER A 143 -3.76 15.59 5.44
N LEU A 144 -4.54 15.30 4.41
CA LEU A 144 -5.22 16.33 3.63
C LEU A 144 -6.73 16.30 3.81
N PHE A 145 -7.26 15.48 4.72
CA PHE A 145 -8.68 15.52 5.02
C PHE A 145 -8.99 16.74 5.87
N ASP A 146 -10.08 17.40 5.53
CA ASP A 146 -10.55 18.50 6.35
C ASP A 146 -11.05 17.97 7.69
N GLU A 147 -10.78 18.70 8.77
CA GLU A 147 -11.23 18.22 10.08
C GLU A 147 -12.74 18.09 10.15
N ASN A 148 -13.48 18.82 9.31
CA ASN A 148 -14.93 18.78 9.32
C ASN A 148 -15.51 17.63 8.49
N THR A 149 -14.68 16.87 7.77
CA THR A 149 -15.13 15.67 7.07
C THR A 149 -15.27 14.55 8.09
N LYS A 150 -16.49 14.11 8.34
CA LYS A 150 -16.74 13.16 9.41
C LYS A 150 -16.82 11.72 8.93
N GLN A 151 -16.95 11.48 7.63
CA GLN A 151 -17.08 10.14 7.07
C GLN A 151 -15.78 9.78 6.37
N TRP A 152 -15.22 8.62 6.72
CA TRP A 152 -14.07 8.05 6.01
C TRP A 152 -12.88 9.01 6.01
N ASN A 153 -12.68 9.69 7.13
CA ASN A 153 -11.55 10.59 7.33
C ASN A 153 -10.40 9.75 7.88
N LEU A 154 -9.35 9.57 7.08
CA LEU A 154 -8.28 8.64 7.42
C LEU A 154 -7.47 9.05 8.65
N GLY A 155 -7.59 10.28 9.11
CA GLY A 155 -6.98 10.71 10.35
C GLY A 155 -7.85 10.53 11.57
N HIS A 156 -9.07 10.01 11.41
CA HIS A 156 -10.02 9.86 12.50
C HIS A 156 -10.58 8.45 12.61
N LEU A 157 -9.85 7.45 12.16
CA LEU A 157 -10.34 6.09 12.29
C LEU A 157 -10.00 5.56 13.67
N GLY A 158 -10.71 4.51 14.08
CA GLY A 158 -10.33 3.84 15.30
C GLY A 158 -8.92 3.27 15.18
N THR A 159 -8.16 3.34 16.27
CA THR A 159 -6.76 2.97 16.24
C THR A 159 -6.59 1.46 16.38
N ILE A 160 -5.47 0.97 15.87
CA ILE A 160 -5.18 -0.45 15.99
C ILE A 160 -4.92 -0.81 17.45
N GLN A 161 -4.30 0.11 18.20
CA GLN A 161 -4.07 -0.14 19.62
C GLN A 161 -5.38 -0.32 20.36
N ASP A 162 -6.38 0.52 20.05
CA ASP A 162 -7.68 0.36 20.70
C ASP A 162 -8.37 -0.92 20.27
N LEU A 163 -8.21 -1.33 19.00
CA LEU A 163 -8.77 -2.58 18.53
C LEU A 163 -8.18 -3.75 19.31
N LEU A 164 -6.84 -3.77 19.46
CA LEU A 164 -6.20 -4.86 20.19
CA LEU A 164 -6.24 -4.87 20.19
C LEU A 164 -6.68 -4.89 21.64
N GLU A 165 -6.80 -3.72 22.26
CA GLU A 165 -7.29 -3.67 23.63
C GLU A 165 -8.73 -4.17 23.71
N LYS A 166 -9.58 -3.78 22.76
CA LYS A 166 -10.97 -4.21 22.77
C LYS A 166 -11.08 -5.72 22.58
N GLU A 167 -10.23 -6.31 21.73
CA GLU A 167 -10.39 -7.73 21.41
C GLU A 167 -9.71 -8.63 22.43
N CYS A 168 -8.56 -8.24 22.97
N CYS A 168 -8.55 -8.19 22.94
CA CYS A 168 -7.81 -9.15 23.81
CA CYS A 168 -7.68 -9.05 23.73
C CYS A 168 -7.56 -8.63 25.22
C CYS A 168 -7.50 -8.60 25.17
N GLY A 169 -7.94 -7.40 25.53
CA GLY A 169 -8.03 -6.96 26.91
C GLY A 169 -6.91 -6.15 27.53
N VAL A 170 -5.80 -5.90 26.85
CA VAL A 170 -4.69 -5.16 27.46
C VAL A 170 -4.37 -3.90 26.67
N VAL A 171 -4.14 -2.80 27.39
CA VAL A 171 -3.69 -1.56 26.79
C VAL A 171 -2.25 -1.74 26.34
N ILE A 172 -1.96 -1.15 25.20
CA ILE A 172 -0.60 -1.04 24.69
C ILE A 172 -0.29 0.40 24.30
N GLU A 173 0.99 0.72 24.37
CA GLU A 173 1.50 1.96 23.83
C GLU A 173 1.43 1.95 22.32
N GLY A 174 1.56 3.14 21.74
CA GLY A 174 1.65 3.29 20.31
C GLY A 174 0.55 4.17 19.75
N VAL A 175 0.83 4.72 18.57
N VAL A 175 0.81 4.72 18.58
CA VAL A 175 -0.09 5.58 17.84
CA VAL A 175 -0.15 5.54 17.87
C VAL A 175 -0.09 5.14 16.37
C VAL A 175 -0.12 5.08 16.42
N ASN A 176 -1.11 5.56 15.67
N ASN A 176 -1.10 5.51 15.66
CA ASN A 176 -1.39 5.14 14.30
CA ASN A 176 -1.05 5.28 14.23
C ASN A 176 -1.83 6.41 13.54
C ASN A 176 -1.76 6.43 13.56
N THR A 177 -1.02 7.03 12.68
CA THR A 177 -1.41 8.22 11.94
C THR A 177 -1.20 8.05 10.43
N PRO A 178 -1.86 8.86 9.61
CA PRO A 178 -1.77 8.65 8.16
C PRO A 178 -0.48 9.17 7.53
N TYR A 179 -0.26 8.68 6.30
CA TYR A 179 0.86 9.14 5.50
CA TYR A 179 0.88 9.06 5.46
C TYR A 179 0.37 9.63 4.15
N LEU A 180 1.07 10.62 3.63
CA LEU A 180 0.87 11.18 2.30
C LEU A 180 1.95 10.66 1.37
N TYR A 181 1.57 10.52 0.10
CA TYR A 181 2.42 10.03 -0.98
C TYR A 181 2.22 10.95 -2.16
N PHE A 182 3.29 11.56 -2.64
CA PHE A 182 3.26 12.34 -3.87
C PHE A 182 3.99 11.54 -4.94
N GLY A 183 3.30 11.25 -6.05
CA GLY A 183 3.79 10.34 -7.06
C GLY A 183 3.99 11.05 -8.40
N MET A 184 4.69 10.35 -9.29
CA MET A 184 4.86 10.76 -10.68
C MET A 184 4.85 9.49 -11.54
N TRP A 185 4.83 9.68 -12.85
CA TRP A 185 4.85 8.55 -13.78
C TRP A 185 5.96 7.58 -13.42
N LYS A 186 5.61 6.30 -13.39
CA LYS A 186 6.49 5.17 -13.16
C LYS A 186 6.85 4.95 -11.70
N THR A 187 6.48 5.85 -10.78
CA THR A 187 6.67 5.58 -9.37
CA THR A 187 6.74 5.54 -9.38
C THR A 187 5.99 4.26 -9.03
N THR A 188 6.67 3.43 -8.24
CA THR A 188 6.34 2.02 -8.11
C THR A 188 6.25 1.60 -6.65
N PHE A 189 5.23 0.81 -6.32
CA PHE A 189 5.18 0.13 -5.03
C PHE A 189 5.35 -1.37 -5.24
N ALA A 190 6.38 -1.91 -4.59
CA ALA A 190 6.77 -3.30 -4.75
C ALA A 190 5.77 -4.25 -4.09
N TRP A 191 5.86 -5.53 -4.46
CA TRP A 191 4.99 -6.56 -3.89
C TRP A 191 5.16 -6.69 -2.39
N HIS A 192 4.05 -6.60 -1.65
CA HIS A 192 4.10 -6.68 -0.19
C HIS A 192 2.71 -6.93 0.37
N THR A 193 2.67 -7.43 1.60
CA THR A 193 1.53 -7.26 2.47
C THR A 193 1.87 -6.18 3.50
N GLU A 194 0.88 -5.72 4.25
CA GLU A 194 1.13 -4.69 5.25
C GLU A 194 1.87 -5.29 6.45
N ASP A 195 2.49 -4.39 7.22
CA ASP A 195 3.07 -4.78 8.50
C ASP A 195 2.06 -5.58 9.31
N MET A 196 2.48 -6.71 9.88
CA MET A 196 1.62 -7.55 10.70
C MET A 196 0.36 -8.01 9.95
N ASP A 197 0.42 -7.99 8.62
CA ASP A 197 -0.71 -8.37 7.75
C ASP A 197 -1.99 -7.60 8.09
N LEU A 198 -1.80 -6.32 8.44
CA LEU A 198 -2.92 -5.41 8.67
C LEU A 198 -3.69 -5.10 7.39
N TYR A 199 -4.89 -4.52 7.57
CA TYR A 199 -5.56 -3.89 6.45
C TYR A 199 -4.86 -2.56 6.13
N SER A 200 -5.08 -2.06 4.91
CA SER A 200 -4.76 -0.66 4.61
C SER A 200 -5.95 -0.03 3.90
N ILE A 201 -6.07 1.29 4.06
CA ILE A 201 -7.00 2.07 3.27
C ILE A 201 -6.24 3.22 2.63
N ASN A 202 -6.61 3.52 1.38
CA ASN A 202 -5.85 4.41 0.50
CA ASN A 202 -5.86 4.37 0.49
C ASN A 202 -6.84 5.29 -0.21
N TYR A 203 -6.67 6.59 -0.09
CA TYR A 203 -7.49 7.56 -0.79
C TYR A 203 -6.65 8.34 -1.78
N LEU A 204 -7.07 8.38 -3.05
CA LEU A 204 -6.37 9.15 -4.07
C LEU A 204 -6.97 10.56 -4.07
N HIS A 205 -6.27 11.50 -3.47
CA HIS A 205 -6.81 12.86 -3.29
C HIS A 205 -6.92 13.62 -4.62
N LEU A 206 -5.91 13.49 -5.48
CA LEU A 206 -5.81 14.39 -6.62
C LEU A 206 -4.84 13.80 -7.64
N GLY A 207 -5.07 14.16 -8.90
CA GLY A 207 -4.12 13.88 -9.95
C GLY A 207 -4.39 12.60 -10.71
N GLU A 208 -3.32 12.02 -11.22
CA GLU A 208 -3.42 10.93 -12.19
C GLU A 208 -3.58 9.59 -11.49
N PRO A 209 -4.00 8.53 -12.21
CA PRO A 209 -4.39 7.29 -11.56
C PRO A 209 -3.23 6.50 -10.96
N LYS A 210 -3.62 5.47 -10.21
CA LYS A 210 -2.71 4.46 -9.68
C LYS A 210 -3.25 3.09 -10.07
N THR A 211 -2.43 2.27 -10.72
CA THR A 211 -2.81 0.92 -11.08
C THR A 211 -2.30 -0.04 -10.02
N TRP A 212 -3.17 -0.96 -9.61
CA TRP A 212 -2.90 -1.94 -8.56
C TRP A 212 -2.96 -3.35 -9.12
N TYR A 213 -2.10 -4.21 -8.59
CA TYR A 213 -2.15 -5.66 -8.78
C TYR A 213 -2.29 -6.29 -7.40
N VAL A 214 -3.03 -7.40 -7.31
CA VAL A 214 -3.29 -8.01 -6.01
C VAL A 214 -3.45 -9.52 -6.16
N VAL A 215 -2.92 -10.26 -5.20
CA VAL A 215 -3.05 -11.71 -5.09
C VAL A 215 -4.05 -12.03 -3.99
N PRO A 216 -5.03 -12.90 -4.22
CA PRO A 216 -5.97 -13.27 -3.15
C PRO A 216 -5.24 -13.75 -1.92
N PRO A 217 -5.68 -13.37 -0.72
CA PRO A 217 -5.03 -13.87 0.50
C PRO A 217 -4.90 -15.38 0.56
N GLU A 218 -5.90 -16.13 0.08
CA GLU A 218 -5.83 -17.58 0.15
C GLU A 218 -4.73 -18.15 -0.73
N HIS A 219 -4.15 -17.35 -1.64
CA HIS A 219 -3.09 -17.78 -2.54
C HIS A 219 -1.78 -17.05 -2.33
N GLY A 220 -1.62 -16.34 -1.22
CA GLY A 220 -0.41 -15.54 -1.03
C GLY A 220 0.86 -16.38 -1.02
N GLN A 221 0.79 -17.61 -0.50
N GLN A 221 0.81 -17.61 -0.50
CA GLN A 221 1.98 -18.45 -0.46
CA GLN A 221 2.01 -18.43 -0.46
C GLN A 221 2.48 -18.79 -1.87
C GLN A 221 2.47 -18.84 -1.85
N ARG A 222 1.58 -18.83 -2.86
CA ARG A 222 2.02 -19.09 -4.23
C ARG A 222 2.91 -17.96 -4.71
N LEU A 223 2.55 -16.71 -4.39
CA LEU A 223 3.40 -15.60 -4.77
CA LEU A 223 3.39 -15.57 -4.74
C LEU A 223 4.73 -15.67 -4.04
N GLU A 224 4.72 -16.02 -2.74
CA GLU A 224 5.96 -16.11 -1.99
C GLU A 224 6.89 -17.13 -2.61
N ARG A 225 6.34 -18.29 -2.98
CA ARG A 225 7.19 -19.33 -3.57
CA ARG A 225 7.15 -19.35 -3.59
C ARG A 225 7.80 -18.87 -4.88
N LEU A 226 7.04 -18.20 -5.74
CA LEU A 226 7.60 -17.67 -6.98
C LEU A 226 8.68 -16.62 -6.69
N ALA A 227 8.42 -15.72 -5.75
CA ALA A 227 9.42 -14.71 -5.43
C ALA A 227 10.72 -15.34 -4.96
N ARG A 228 10.65 -16.42 -4.16
CA ARG A 228 11.90 -17.05 -3.73
CA ARG A 228 11.87 -17.10 -3.74
C ARG A 228 12.66 -17.62 -4.93
N GLU A 229 11.95 -18.13 -5.93
CA GLU A 229 12.58 -18.66 -7.14
C GLU A 229 13.21 -17.55 -7.96
N LEU A 230 12.52 -16.40 -8.07
CA LEU A 230 12.96 -15.34 -8.97
C LEU A 230 14.00 -14.42 -8.36
N PHE A 231 14.12 -14.37 -7.03
CA PHE A 231 15.07 -13.52 -6.33
C PHE A 231 15.87 -14.40 -5.36
N PRO A 232 16.70 -15.29 -5.89
CA PRO A 232 17.25 -16.33 -5.01
C PRO A 232 18.23 -15.81 -3.98
N GLY A 233 19.10 -14.86 -4.33
CA GLY A 233 19.99 -14.29 -3.32
C GLY A 233 19.23 -13.57 -2.23
N SER A 234 18.21 -12.79 -2.61
CA SER A 234 17.41 -12.07 -1.62
C SER A 234 16.72 -13.03 -0.66
N SER A 235 16.22 -14.15 -1.19
CA SER A 235 15.52 -15.12 -0.36
C SER A 235 16.47 -15.80 0.61
N ARG A 236 17.72 -16.06 0.20
CA ARG A 236 18.67 -16.63 1.14
C ARG A 236 18.99 -15.67 2.27
N GLY A 237 18.94 -14.37 2.01
CA GLY A 237 19.23 -13.37 3.01
C GLY A 237 18.15 -13.20 4.07
N CYS A 238 16.90 -13.53 3.74
CA CYS A 238 15.80 -13.27 4.66
C CYS A 238 14.60 -14.11 4.26
N GLY A 239 14.08 -14.89 5.22
CA GLY A 239 12.92 -15.72 4.97
C GLY A 239 11.64 -14.96 4.75
N ALA A 240 11.65 -13.65 4.95
CA ALA A 240 10.49 -12.78 4.72
C ALA A 240 10.89 -11.57 3.88
N PHE A 241 11.71 -11.78 2.84
CA PHE A 241 12.31 -10.65 2.14
C PHE A 241 11.31 -9.78 1.40
N LEU A 242 10.11 -10.27 1.10
CA LEU A 242 9.12 -9.38 0.48
C LEU A 242 8.76 -8.22 1.41
N ARG A 243 8.97 -8.40 2.71
CA ARG A 243 8.83 -7.34 3.72
CA ARG A 243 8.68 -7.24 3.55
C ARG A 243 9.74 -6.16 3.44
N HIS A 244 10.82 -6.39 2.68
CA HIS A 244 11.74 -5.31 2.37
C HIS A 244 11.14 -4.34 1.36
N LYS A 245 10.08 -4.75 0.66
CA LYS A 245 9.35 -3.89 -0.27
C LYS A 245 10.27 -3.39 -1.39
N VAL A 246 10.95 -4.32 -2.06
CA VAL A 246 11.80 -3.94 -3.18
C VAL A 246 11.62 -4.79 -4.43
N ALA A 247 10.82 -5.84 -4.41
CA ALA A 247 10.72 -6.79 -5.53
C ALA A 247 9.50 -6.55 -6.41
N LEU A 248 9.71 -6.51 -7.73
CA LEU A 248 8.64 -6.38 -8.71
C LEU A 248 8.63 -7.57 -9.66
N ILE A 249 7.42 -8.05 -9.93
CA ILE A 249 7.16 -9.13 -10.88
C ILE A 249 5.97 -8.67 -11.71
N SER A 250 6.09 -8.74 -13.05
CA SER A 250 5.07 -8.20 -13.94
C SER A 250 3.87 -9.15 -14.06
N PRO A 251 2.74 -8.63 -14.53
CA PRO A 251 1.58 -9.50 -14.75
C PRO A 251 1.86 -10.61 -15.75
N THR A 252 2.68 -10.34 -16.75
CA THR A 252 3.03 -11.39 -17.73
C THR A 252 3.77 -12.54 -17.05
N VAL A 253 4.73 -12.21 -16.18
CA VAL A 253 5.48 -13.26 -15.49
C VAL A 253 4.58 -14.00 -14.50
N LEU A 254 3.67 -13.28 -13.84
CA LEU A 254 2.73 -13.96 -12.94
C LEU A 254 1.87 -14.95 -13.71
N LYS A 255 1.32 -14.52 -14.85
CA LYS A 255 0.49 -15.42 -15.66
C LYS A 255 1.30 -16.62 -16.16
N GLU A 256 2.54 -16.39 -16.59
CA GLU A 256 3.38 -17.49 -17.06
C GLU A 256 3.58 -18.55 -15.99
N ASN A 257 3.60 -18.14 -14.73
CA ASN A 257 3.81 -19.04 -13.60
C ASN A 257 2.52 -19.45 -12.90
N GLY A 258 1.37 -19.15 -13.49
CA GLY A 258 0.10 -19.58 -12.96
C GLY A 258 -0.31 -18.95 -11.63
N ILE A 259 0.21 -17.77 -11.30
CA ILE A 259 -0.13 -17.13 -10.03
C ILE A 259 -1.48 -16.45 -10.16
N PRO A 260 -2.44 -16.75 -9.29
CA PRO A 260 -3.72 -16.03 -9.37
CA PRO A 260 -3.74 -16.04 -9.33
C PRO A 260 -3.56 -14.59 -8.92
N PHE A 261 -4.06 -13.67 -9.73
CA PHE A 261 -4.00 -12.24 -9.38
C PHE A 261 -5.07 -11.49 -10.14
N ASN A 262 -5.32 -10.26 -9.71
CA ASN A 262 -6.21 -9.34 -10.40
C ASN A 262 -5.56 -7.96 -10.48
N ARG A 263 -6.13 -7.11 -11.33
CA ARG A 263 -5.65 -5.74 -11.48
C ARG A 263 -6.82 -4.77 -11.59
N ILE A 264 -6.57 -3.53 -11.18
CA ILE A 264 -7.58 -2.48 -11.25
C ILE A 264 -6.88 -1.14 -11.18
N THR A 265 -7.47 -0.13 -11.81
CA THR A 265 -6.94 1.22 -11.74
C THR A 265 -7.83 2.09 -10.87
N GLN A 266 -7.20 2.78 -9.92
CA GLN A 266 -7.84 3.73 -9.01
C GLN A 266 -7.69 5.14 -9.58
N GLU A 267 -8.77 5.91 -9.54
CA GLU A 267 -8.77 7.29 -9.99
C GLU A 267 -9.04 8.22 -8.81
N ALA A 268 -8.74 9.50 -9.03
CA ALA A 268 -8.90 10.51 -7.99
C ALA A 268 -10.33 10.49 -7.46
N GLY A 269 -10.44 10.58 -6.13
CA GLY A 269 -11.72 10.56 -5.47
C GLY A 269 -12.20 9.19 -5.04
N GLU A 270 -11.40 8.15 -5.25
CA GLU A 270 -11.75 6.77 -4.94
C GLU A 270 -10.87 6.23 -3.82
N PHE A 271 -11.47 5.41 -2.97
CA PHE A 271 -10.75 4.66 -1.96
C PHE A 271 -10.46 3.24 -2.42
N MET A 272 -9.33 2.70 -1.97
CA MET A 272 -9.02 1.28 -2.08
C MET A 272 -8.73 0.75 -0.69
N VAL A 273 -9.27 -0.41 -0.36
CA VAL A 273 -8.96 -1.12 0.88
C VAL A 273 -8.20 -2.38 0.52
N THR A 274 -7.05 -2.61 1.15
CA THR A 274 -6.39 -3.91 1.07
C THR A 274 -6.70 -4.68 2.34
N PHE A 275 -6.86 -5.99 2.18
CA PHE A 275 -7.29 -6.87 3.25
C PHE A 275 -6.10 -7.65 3.81
N PRO A 276 -6.23 -8.20 5.01
CA PRO A 276 -5.12 -8.92 5.64
C PRO A 276 -4.54 -9.99 4.73
N TYR A 277 -3.22 -9.95 4.57
CA TYR A 277 -2.45 -10.91 3.80
C TYR A 277 -2.75 -10.85 2.31
N GLY A 278 -3.26 -9.73 1.82
CA GLY A 278 -3.44 -9.51 0.40
C GLY A 278 -2.21 -8.83 -0.17
N TYR A 279 -1.37 -9.60 -0.87
CA TYR A 279 -0.18 -9.02 -1.52
C TYR A 279 -0.62 -8.06 -2.61
N HIS A 280 0.06 -6.91 -2.69
CA HIS A 280 -0.25 -5.93 -3.71
C HIS A 280 1.00 -5.20 -4.16
N ALA A 281 0.92 -4.62 -5.36
CA ALA A 281 1.98 -3.86 -6.02
C ALA A 281 1.31 -2.94 -7.02
N GLY A 282 2.06 -1.97 -7.54
CA GLY A 282 1.48 -1.13 -8.57
C GLY A 282 2.33 0.08 -8.90
N PHE A 283 1.73 1.00 -9.64
CA PHE A 283 2.46 2.15 -10.16
C PHE A 283 1.52 3.34 -10.37
N ASN A 284 2.11 4.54 -10.33
CA ASN A 284 1.38 5.77 -10.59
C ASN A 284 1.50 6.19 -12.05
N HIS A 285 0.42 6.75 -12.58
CA HIS A 285 0.37 7.13 -13.99
C HIS A 285 0.99 8.48 -14.28
N GLY A 286 1.11 9.33 -13.27
CA GLY A 286 1.53 10.71 -13.45
C GLY A 286 1.50 11.38 -12.09
N PHE A 287 1.59 12.71 -12.08
CA PHE A 287 1.58 13.42 -10.81
C PHE A 287 0.30 13.14 -10.04
N ASN A 288 0.42 12.74 -8.77
CA ASN A 288 -0.75 12.53 -7.93
C ASN A 288 -0.39 12.65 -6.46
N CYS A 289 -1.42 12.60 -5.63
CA CYS A 289 -1.24 12.58 -4.19
C CYS A 289 -2.26 11.63 -3.59
N ALA A 290 -1.77 10.70 -2.79
CA ALA A 290 -2.58 9.73 -2.08
C ALA A 290 -2.30 9.82 -0.58
N GLU A 291 -3.27 9.36 0.19
CA GLU A 291 -3.16 9.26 1.64
C GLU A 291 -3.52 7.85 2.04
N ALA A 292 -2.78 7.28 2.99
CA ALA A 292 -3.04 5.91 3.39
C ALA A 292 -2.73 5.72 4.87
N ILE A 293 -3.39 4.71 5.44
CA ILE A 293 -3.16 4.32 6.84
C ILE A 293 -3.53 2.85 6.98
N ASN A 294 -2.86 2.16 7.91
CA ASN A 294 -3.26 0.81 8.27
C ASN A 294 -4.37 0.84 9.32
N PHE A 295 -5.18 -0.22 9.31
CA PHE A 295 -6.22 -0.36 10.31
C PHE A 295 -6.47 -1.84 10.57
N ALA A 296 -7.24 -2.11 11.62
CA ALA A 296 -7.57 -3.46 12.05
C ALA A 296 -9.07 -3.58 12.30
N THR A 297 -9.53 -4.83 12.29
CA THR A 297 -10.87 -5.22 12.67
C THR A 297 -10.73 -6.49 13.50
N PRO A 298 -11.81 -6.99 14.11
CA PRO A 298 -11.70 -8.26 14.85
C PRO A 298 -11.13 -9.40 14.00
N ARG A 299 -11.49 -9.45 12.71
CA ARG A 299 -11.02 -10.53 11.85
C ARG A 299 -9.52 -10.48 11.62
N TRP A 300 -8.90 -9.32 11.80
CA TRP A 300 -7.45 -9.22 11.61
C TRP A 300 -6.65 -10.00 12.66
N ILE A 301 -7.17 -10.13 13.89
CA ILE A 301 -6.35 -10.64 15.00
CA ILE A 301 -6.30 -10.62 14.95
C ILE A 301 -5.66 -11.95 14.60
N ASP A 302 -6.42 -12.89 14.02
CA ASP A 302 -5.82 -14.18 13.67
C ASP A 302 -4.70 -14.03 12.64
N TYR A 303 -4.85 -13.09 11.71
CA TYR A 303 -3.76 -12.83 10.76
C TYR A 303 -2.55 -12.22 11.46
N GLY A 304 -2.78 -11.29 12.38
CA GLY A 304 -1.65 -10.72 13.11
C GLY A 304 -0.86 -11.76 13.87
N LYS A 305 -1.55 -12.74 14.48
CA LYS A 305 -0.89 -13.80 15.24
C LYS A 305 -0.01 -14.68 14.37
N MET A 306 -0.31 -14.77 13.08
CA MET A 306 0.39 -15.66 12.17
C MET A 306 1.33 -14.96 11.22
N ALA A 307 1.39 -13.62 11.24
CA ALA A 307 2.14 -12.88 10.23
C ALA A 307 3.63 -13.23 10.30
N SER A 308 4.25 -13.40 9.13
N SER A 308 4.21 -13.41 9.12
CA SER A 308 5.66 -13.76 9.05
CA SER A 308 5.64 -13.60 9.07
C SER A 308 6.53 -12.50 9.05
C SER A 308 6.33 -12.34 9.54
N GLN A 309 7.60 -12.51 9.86
CA GLN A 309 8.37 -11.34 10.22
CA GLN A 309 8.38 -11.33 10.23
C GLN A 309 9.75 -11.35 9.58
N CYS A 310 10.24 -10.14 9.26
CA CYS A 310 11.62 -9.91 8.88
C CYS A 310 12.42 -9.60 10.13
N SER A 311 13.46 -10.38 10.36
CA SER A 311 14.40 -10.18 11.46
CA SER A 311 14.39 -10.09 11.44
C SER A 311 15.83 -10.03 10.96
N CYS A 312 16.04 -9.81 9.65
CA CYS A 312 17.39 -9.72 9.12
C CYS A 312 17.97 -8.32 9.25
N GLY A 313 17.18 -7.34 9.67
CA GLY A 313 17.63 -5.97 9.68
C GLY A 313 17.00 -5.08 8.63
N GLU A 314 16.87 -5.51 7.38
CA GLU A 314 16.49 -4.58 6.32
C GLU A 314 15.21 -3.78 6.65
N ALA A 315 14.12 -4.47 7.00
CA ALA A 315 12.81 -3.81 7.08
C ALA A 315 12.76 -2.67 8.13
N ARG A 316 13.15 -2.94 9.39
CA ARG A 316 13.29 -1.97 10.52
C ARG A 316 12.16 -0.96 10.77
N VAL A 317 10.96 -1.50 10.98
CA VAL A 317 9.69 -0.77 10.98
C VAL A 317 9.26 -0.03 12.26
N THR A 318 8.19 0.76 12.14
CA THR A 318 7.55 1.61 13.15
C THR A 318 7.58 1.14 14.60
N PHE A 319 7.89 2.07 15.48
CA PHE A 319 7.67 1.98 16.91
C PHE A 319 6.41 1.20 17.31
N SER A 320 5.30 1.40 16.59
CA SER A 320 4.05 0.76 16.99
C SER A 320 4.07 -0.74 16.76
N MET A 321 4.87 -1.25 15.84
N MET A 321 4.87 -1.25 15.82
CA MET A 321 4.85 -2.69 15.60
CA MET A 321 4.86 -2.68 15.57
C MET A 321 5.34 -3.47 16.80
C MET A 321 5.38 -3.48 16.77
N ASP A 322 6.17 -2.86 17.66
CA ASP A 322 6.74 -3.56 18.81
C ASP A 322 5.65 -4.24 19.63
N ALA A 323 4.64 -3.49 20.05
CA ALA A 323 3.62 -4.05 20.91
C ALA A 323 2.83 -5.14 20.22
N PHE A 324 2.60 -5.01 18.91
CA PHE A 324 1.86 -6.04 18.18
CA PHE A 324 1.86 -6.06 18.21
C PHE A 324 2.61 -7.37 18.20
N VAL A 325 3.93 -7.34 17.95
CA VAL A 325 4.72 -8.57 18.00
C VAL A 325 4.77 -9.08 19.44
N ARG A 326 5.01 -8.17 20.40
CA ARG A 326 5.16 -8.53 21.80
C ARG A 326 3.94 -9.28 22.32
N ILE A 327 2.74 -8.80 22.01
CA ILE A 327 1.52 -9.40 22.54
C ILE A 327 1.05 -10.57 21.67
N LEU A 328 1.07 -10.44 20.34
CA LEU A 328 0.49 -11.49 19.50
C LEU A 328 1.46 -12.60 19.17
N GLN A 329 2.78 -12.34 19.21
N GLN A 329 2.76 -12.34 19.18
CA GLN A 329 3.79 -13.30 18.79
CA GLN A 329 3.77 -13.34 18.81
C GLN A 329 4.92 -13.41 19.81
C GLN A 329 4.89 -13.34 19.83
N PRO A 330 4.60 -13.67 21.08
CA PRO A 330 5.65 -13.65 22.11
C PRO A 330 6.83 -14.56 21.82
N GLU A 331 6.62 -15.72 21.20
CA GLU A 331 7.76 -16.60 20.89
CA GLU A 331 7.77 -16.59 20.91
C GLU A 331 8.74 -15.96 19.94
N ARG A 332 8.26 -15.12 19.02
CA ARG A 332 9.10 -14.50 18.00
C ARG A 332 9.67 -13.16 18.41
N TYR A 333 9.21 -12.60 19.53
CA TYR A 333 9.49 -11.21 19.84
C TYR A 333 10.98 -10.94 20.01
N ASP A 334 11.69 -11.78 20.78
CA ASP A 334 13.09 -11.50 21.05
C ASP A 334 13.92 -11.47 19.76
N LEU A 335 13.68 -12.43 18.86
CA LEU A 335 14.42 -12.45 17.59
C LEU A 335 14.07 -11.24 16.74
N TRP A 336 12.78 -10.93 16.62
CA TRP A 336 12.37 -9.76 15.86
C TRP A 336 13.03 -8.49 16.40
N LYS A 337 13.03 -8.34 17.73
CA LYS A 337 13.58 -7.14 18.36
C LYS A 337 15.07 -7.00 18.07
N ARG A 338 15.80 -8.11 18.08
CA ARG A 338 17.21 -8.07 17.71
C ARG A 338 17.38 -7.48 16.32
N GLY A 339 16.44 -7.79 15.42
CA GLY A 339 16.51 -7.28 14.07
C GLY A 339 16.22 -5.81 13.98
N GLN A 340 15.50 -5.25 14.95
CA GLN A 340 15.24 -3.82 14.95
C GLN A 340 16.42 -3.03 15.47
N ASP A 341 17.24 -3.60 16.34
CA ASP A 341 18.44 -2.87 16.84
C ASP A 341 19.68 -3.40 16.15
#